data_2XDE
#
_entry.id   2XDE
#
_cell.length_a   39.756
_cell.length_b   71.035
_cell.length_c   41.419
_cell.angle_alpha   90.00
_cell.angle_beta   90.41
_cell.angle_gamma   90.00
#
_symmetry.space_group_name_H-M   'P 1 21 1'
#
loop_
_entity.id
_entity.type
_entity.pdbx_description
1 polymer 'GAG POLYPROTEIN'
2 non-polymer N-METHYL-NALPHA-[(2-METHYL-1H-INDOL-3-YL)ACETYL]-N-PHENYL-L-PHENYLALANINAMIDE
3 water water
#
_entity_poly.entity_id   1
_entity_poly.type   'polypeptide(L)'
_entity_poly.pdbx_seq_one_letter_code
;MPIVQNLQGQMVHQAISPRTLNAWVKVVEEKAFSPEVIPMFSALSEGATPQDLNTMLNTVGGHQAAMQMLKETINEEAAE
WDRLHPVGEPRGSDIAGTTSTLQEQIGWMTHNPPIPVGEIYKRWIILGLNKIVRMYSGGHHHHHH
;
_entity_poly.pdbx_strand_id   A,B
#
loop_
_chem_comp.id
_chem_comp.type
_chem_comp.name
_chem_comp.formula
1B0 non-polymer N-METHYL-NALPHA-[(2-METHYL-1H-INDOL-3-YL)ACETYL]-N-PHENYL-L-PHENYLALANINAMIDE 'C27 H27 N3 O2'
#
# COMPACT_ATOMS: atom_id res chain seq x y z
N PRO A 2 -7.57 -2.78 -16.58
CA PRO A 2 -6.29 -2.42 -17.15
C PRO A 2 -6.16 -0.92 -17.32
N ILE A 3 -4.92 -0.46 -17.37
CA ILE A 3 -4.63 0.92 -17.74
C ILE A 3 -4.72 1.02 -19.26
N VAL A 4 -5.35 2.09 -19.74
CA VAL A 4 -5.46 2.35 -21.17
C VAL A 4 -5.25 3.83 -21.41
N GLN A 5 -4.95 4.18 -22.66
CA GLN A 5 -4.95 5.58 -23.05
C GLN A 5 -6.30 5.83 -23.67
N ASN A 6 -7.06 6.79 -23.12
CA ASN A 6 -8.35 7.09 -23.70
C ASN A 6 -8.18 8.01 -24.92
N LEU A 7 -9.30 8.38 -25.53
CA LEU A 7 -9.22 9.22 -26.72
C LEU A 7 -8.62 10.59 -26.45
N GLN A 8 -8.65 11.02 -25.19
CA GLN A 8 -8.05 12.30 -24.79
C GLN A 8 -6.50 12.58 -24.72
N GLY A 9 -5.50 11.72 -25.00
CA GLY A 9 -5.15 10.49 -24.38
C GLY A 9 -4.58 10.67 -22.97
N GLN A 10 -5.52 10.64 -22.04
CA GLN A 10 -5.22 10.42 -20.64
C GLN A 10 -5.03 8.94 -20.38
N MET A 11 -4.18 8.62 -19.41
CA MET A 11 -3.98 7.26 -18.95
C MET A 11 -4.92 7.01 -17.79
N VAL A 12 -5.83 6.06 -17.99
CA VAL A 12 -6.93 5.83 -17.06
C VAL A 12 -7.16 4.33 -16.90
N HIS A 13 -7.94 3.97 -15.89
CA HIS A 13 -8.32 2.57 -15.71
C HIS A 13 -9.59 2.22 -16.47
N GLN A 14 -9.53 1.10 -17.17
CA GLN A 14 -10.68 0.51 -17.81
C GLN A 14 -11.02 -0.74 -16.99
N ALA A 15 -12.29 -0.90 -16.65
CA ALA A 15 -12.70 -2.03 -15.83
C ALA A 15 -12.33 -3.37 -16.48
N ILE A 16 -11.91 -4.34 -15.66
CA ILE A 16 -11.64 -5.68 -16.14
C ILE A 16 -12.96 -6.27 -16.67
N SER A 17 -12.86 -7.01 -17.77
CA SER A 17 -14.03 -7.57 -18.43
C SER A 17 -14.41 -8.92 -17.82
N PRO A 18 -15.72 -9.18 -17.65
CA PRO A 18 -16.11 -10.56 -17.31
C PRO A 18 -15.58 -11.61 -18.30
N ARG A 19 -15.49 -11.25 -19.58
CA ARG A 19 -14.90 -12.13 -20.58
C ARG A 19 -13.45 -12.52 -20.24
N THR A 20 -12.67 -11.54 -19.77
CA THR A 20 -11.30 -11.81 -19.36
C THR A 20 -11.28 -12.79 -18.19
N LEU A 21 -12.20 -12.61 -17.23
CA LEU A 21 -12.22 -13.47 -16.05
C LEU A 21 -12.57 -14.89 -16.44
N ASN A 22 -13.59 -15.04 -17.29
CA ASN A 22 -13.95 -16.39 -17.77
C ASN A 22 -12.83 -17.04 -18.57
N ALA A 23 -12.17 -16.26 -19.41
CA ALA A 23 -11.08 -16.79 -20.23
C ALA A 23 -9.97 -17.32 -19.36
N TRP A 24 -9.70 -16.61 -18.26
CA TRP A 24 -8.68 -17.04 -17.33
C TRP A 24 -9.10 -18.34 -16.62
N VAL A 25 -10.32 -18.36 -16.09
CA VAL A 25 -10.75 -19.57 -15.40
C VAL A 25 -10.83 -20.78 -16.38
N LYS A 26 -11.29 -20.50 -17.60
CA LYS A 26 -11.39 -21.54 -18.61
C LYS A 26 -10.03 -22.16 -18.87
N VAL A 27 -8.99 -21.33 -19.00
CA VAL A 27 -7.67 -21.93 -19.26
C VAL A 27 -7.17 -22.72 -18.05
N VAL A 28 -7.40 -22.21 -16.85
CA VAL A 28 -6.98 -22.92 -15.65
C VAL A 28 -7.68 -24.28 -15.57
N GLU A 29 -8.98 -24.27 -15.83
CA GLU A 29 -9.78 -25.50 -15.73
C GLU A 29 -9.52 -26.49 -16.86
N GLU A 30 -9.42 -25.99 -18.10
CA GLU A 30 -9.13 -26.85 -19.25
C GLU A 30 -7.74 -27.44 -19.26
N LYS A 31 -6.75 -26.66 -18.85
CA LYS A 31 -5.36 -27.08 -19.00
C LYS A 31 -4.78 -27.65 -17.71
N ALA A 32 -5.54 -27.50 -16.62
CA ALA A 32 -5.22 -28.10 -15.34
C ALA A 32 -3.80 -27.75 -14.91
N PHE A 33 -3.48 -26.46 -14.97
CA PHE A 33 -2.17 -25.92 -14.62
C PHE A 33 -1.02 -26.55 -15.42
N SER A 34 -1.28 -26.77 -16.70
CA SER A 34 -0.22 -27.07 -17.64
C SER A 34 0.57 -25.78 -17.89
N PRO A 35 1.79 -25.87 -18.45
CA PRO A 35 2.51 -24.67 -18.87
C PRO A 35 1.70 -23.68 -19.71
N GLU A 36 0.68 -24.16 -20.40
CA GLU A 36 -0.15 -23.33 -21.26
C GLU A 36 -0.84 -22.19 -20.48
N VAL A 37 -1.04 -22.39 -19.18
CA VAL A 37 -1.63 -21.37 -18.32
C VAL A 37 -0.82 -20.06 -18.27
N ILE A 38 0.50 -20.17 -18.35
CA ILE A 38 1.40 -19.01 -18.21
C ILE A 38 1.26 -17.97 -19.33
N PRO A 39 1.52 -18.34 -20.59
CA PRO A 39 1.32 -17.34 -21.63
C PRO A 39 -0.11 -16.81 -21.65
N MET A 40 -1.10 -17.64 -21.35
CA MET A 40 -2.48 -17.16 -21.31
C MET A 40 -2.69 -16.13 -20.20
N PHE A 41 -2.13 -16.40 -19.02
CA PHE A 41 -2.23 -15.42 -17.96
C PHE A 41 -1.64 -14.08 -18.41
N SER A 42 -0.48 -14.13 -19.05
CA SER A 42 0.16 -12.92 -19.57
C SER A 42 -0.68 -12.20 -20.61
N ALA A 43 -1.25 -12.96 -21.53
CA ALA A 43 -2.05 -12.36 -22.61
C ALA A 43 -3.32 -11.71 -22.09
N LEU A 44 -3.88 -12.27 -21.03
CA LEU A 44 -5.14 -11.78 -20.47
C LEU A 44 -4.94 -10.62 -19.51
N SER A 45 -3.69 -10.38 -19.10
CA SER A 45 -3.40 -9.36 -18.11
C SER A 45 -2.59 -8.19 -18.65
N GLU A 46 -2.59 -7.99 -19.98
CA GLU A 46 -1.90 -6.85 -20.54
C GLU A 46 -2.49 -5.58 -19.93
N GLY A 47 -1.60 -4.71 -19.41
CA GLY A 47 -2.04 -3.45 -18.83
C GLY A 47 -2.69 -3.57 -17.46
N ALA A 48 -2.71 -4.77 -16.88
CA ALA A 48 -3.44 -4.97 -15.62
C ALA A 48 -2.85 -4.17 -14.47
N THR A 49 -3.71 -3.64 -13.61
CA THR A 49 -3.31 -3.11 -12.29
C THR A 49 -3.35 -4.23 -11.27
N PRO A 50 -2.69 -4.07 -10.12
CA PRO A 50 -2.84 -5.06 -9.06
C PRO A 50 -4.30 -5.34 -8.71
N GLN A 51 -5.16 -4.32 -8.69
CA GLN A 51 -6.57 -4.56 -8.37
C GLN A 51 -7.17 -5.55 -9.39
N ASP A 52 -6.90 -5.32 -10.67
CA ASP A 52 -7.36 -6.23 -11.74
C ASP A 52 -6.83 -7.63 -11.54
N LEU A 53 -5.55 -7.74 -11.18
CA LEU A 53 -4.93 -9.03 -11.03
C LEU A 53 -5.55 -9.79 -9.88
N ASN A 54 -5.83 -9.10 -8.78
CA ASN A 54 -6.49 -9.79 -7.66
C ASN A 54 -7.86 -10.31 -8.01
N THR A 55 -8.60 -9.52 -8.78
CA THR A 55 -9.94 -9.95 -9.21
C THR A 55 -9.83 -11.18 -10.10
N MET A 56 -8.86 -11.19 -11.01
CA MET A 56 -8.59 -12.39 -11.82
C MET A 56 -8.29 -13.59 -10.94
N LEU A 57 -7.35 -13.45 -10.02
CA LEU A 57 -6.92 -14.62 -9.25
C LEU A 57 -8.05 -15.12 -8.37
N ASN A 58 -8.85 -14.21 -7.82
CA ASN A 58 -9.92 -14.60 -6.92
C ASN A 58 -11.04 -15.40 -7.58
N THR A 59 -11.11 -15.36 -8.91
CA THR A 59 -12.18 -16.09 -9.60
C THR A 59 -11.86 -17.57 -9.74
N VAL A 60 -10.61 -17.95 -9.45
CA VAL A 60 -10.24 -19.38 -9.52
C VAL A 60 -10.71 -20.08 -8.27
N GLY A 61 -11.72 -20.93 -8.44
CA GLY A 61 -12.28 -21.70 -7.33
C GLY A 61 -11.75 -23.11 -7.35
N GLY A 62 -11.74 -23.73 -6.18
CA GLY A 62 -11.02 -24.97 -5.98
C GLY A 62 -9.54 -24.66 -6.00
N HIS A 63 -8.74 -25.66 -6.31
CA HIS A 63 -7.30 -25.54 -6.33
C HIS A 63 -6.83 -24.75 -5.12
N GLN A 64 -7.45 -25.03 -3.98
CA GLN A 64 -7.13 -24.32 -2.73
C GLN A 64 -5.65 -24.36 -2.41
N ALA A 65 -5.03 -25.54 -2.47
CA ALA A 65 -3.61 -25.69 -2.18
C ALA A 65 -2.75 -24.88 -3.16
N ALA A 66 -3.13 -24.89 -4.44
CA ALA A 66 -2.38 -24.16 -5.45
C ALA A 66 -2.49 -22.67 -5.19
N MET A 67 -3.70 -22.21 -4.89
CA MET A 67 -3.92 -20.80 -4.65
C MET A 67 -3.23 -20.33 -3.37
N GLN A 68 -3.18 -21.21 -2.37
CA GLN A 68 -2.48 -20.87 -1.13
C GLN A 68 -0.98 -20.76 -1.41
N MET A 69 -0.44 -21.64 -2.24
CA MET A 69 0.96 -21.57 -2.61
C MET A 69 1.27 -20.29 -3.37
N LEU A 70 0.38 -19.91 -4.28
CA LEU A 70 0.54 -18.70 -5.05
C LEU A 70 0.56 -17.49 -4.11
N LYS A 71 -0.33 -17.47 -3.13
CA LYS A 71 -0.40 -16.37 -2.18
C LYS A 71 0.89 -16.30 -1.36
N GLU A 72 1.43 -17.46 -0.98
CA GLU A 72 2.70 -17.46 -0.22
C GLU A 72 3.88 -16.95 -1.08
N THR A 73 3.90 -17.29 -2.36
CA THR A 73 4.92 -16.79 -3.26
C THR A 73 4.83 -15.28 -3.37
N ILE A 74 3.62 -14.77 -3.54
CA ILE A 74 3.39 -13.33 -3.58
C ILE A 74 3.88 -12.68 -2.27
N ASN A 75 3.52 -13.27 -1.13
CA ASN A 75 3.95 -12.72 0.14
C ASN A 75 5.47 -12.65 0.22
N GLU A 76 6.14 -13.71 -0.25
CA GLU A 76 7.58 -13.75 -0.24
C GLU A 76 8.18 -12.67 -1.13
N GLU A 77 7.62 -12.50 -2.32
CA GLU A 77 8.13 -11.46 -3.22
C GLU A 77 7.90 -10.07 -2.67
N ALA A 78 6.76 -9.87 -2.02
CA ALA A 78 6.46 -8.57 -1.39
C ALA A 78 7.46 -8.27 -0.29
N ALA A 79 7.78 -9.28 0.51
CA ALA A 79 8.75 -9.10 1.57
C ALA A 79 10.13 -8.78 0.99
N GLU A 80 10.49 -9.42 -0.11
CA GLU A 80 11.77 -9.14 -0.75
C GLU A 80 11.82 -7.72 -1.33
N TRP A 81 10.72 -7.26 -1.90
CA TRP A 81 10.63 -5.90 -2.35
C TRP A 81 10.91 -4.95 -1.19
N ASP A 82 10.29 -5.20 -0.04
CA ASP A 82 10.46 -4.30 1.09
C ASP A 82 11.89 -4.34 1.60
N ARG A 83 12.54 -5.50 1.54
CA ARG A 83 13.93 -5.61 1.97
C ARG A 83 14.84 -4.72 1.12
N LEU A 84 14.58 -4.65 -0.19
CA LEU A 84 15.40 -3.86 -1.11
C LEU A 84 14.91 -2.42 -1.23
N HIS A 85 13.71 -2.14 -0.67
CA HIS A 85 13.14 -0.77 -0.66
C HIS A 85 12.64 -0.49 0.76
N PRO A 86 13.56 -0.34 1.71
CA PRO A 86 13.08 -0.13 3.09
C PRO A 86 12.46 1.24 3.30
N VAL A 87 12.61 2.37 2.15
CA VAL A 87 11.83 3.61 2.23
C VAL A 87 11.00 3.81 0.96
N GLY A 88 10.08 4.76 1.01
CA GLY A 88 9.35 5.15 -0.19
C GLY A 88 8.15 4.27 -0.45
N GLU A 89 7.43 4.65 -1.49
CA GLU A 89 6.27 3.95 -1.94
C GLU A 89 6.51 3.55 -3.36
N PRO A 90 5.92 2.43 -3.78
CA PRO A 90 5.09 1.47 -3.07
C PRO A 90 5.85 0.53 -2.15
N ARG A 91 5.14 0.01 -1.15
CA ARG A 91 5.56 -1.14 -0.37
C ARG A 91 5.22 -2.40 -1.15
N GLY A 92 5.75 -3.54 -0.73
CA GLY A 92 5.38 -4.81 -1.37
C GLY A 92 3.88 -5.09 -1.33
N SER A 93 3.25 -4.78 -0.18
CA SER A 93 1.80 -4.97 -0.04
C SER A 93 1.04 -4.08 -0.99
N ASP A 94 1.64 -2.94 -1.35
CA ASP A 94 1.04 -2.04 -2.30
C ASP A 94 1.06 -2.61 -3.72
N ILE A 95 2.18 -3.24 -4.07
CA ILE A 95 2.30 -3.88 -5.36
C ILE A 95 1.30 -5.05 -5.49
N ALA A 96 1.15 -5.83 -4.41
CA ALA A 96 0.20 -6.94 -4.40
C ALA A 96 -1.24 -6.46 -4.25
N GLY A 97 -1.44 -5.15 -4.09
CA GLY A 97 -2.79 -4.56 -4.03
C GLY A 97 -3.52 -4.77 -2.72
N THR A 98 -2.82 -5.23 -1.69
CA THR A 98 -3.49 -5.45 -0.40
C THR A 98 -3.65 -4.16 0.39
N THR A 99 -2.71 -3.23 0.23
CA THR A 99 -2.77 -1.99 0.99
C THR A 99 -2.83 -0.75 0.09
N SER A 100 -3.04 -0.96 -1.21
CA SER A 100 -3.10 0.15 -2.15
C SER A 100 -4.42 0.20 -2.87
N THR A 101 -4.75 1.42 -3.30
CA THR A 101 -5.97 1.67 -4.04
C THR A 101 -5.68 1.67 -5.53
N LEU A 102 -6.74 1.55 -6.31
CA LEU A 102 -6.59 1.67 -7.75
C LEU A 102 -5.90 2.97 -8.17
N GLN A 103 -6.28 4.06 -7.53
CA GLN A 103 -5.71 5.37 -7.87
C GLN A 103 -4.22 5.38 -7.54
N GLU A 104 -3.83 4.80 -6.41
CA GLU A 104 -2.41 4.72 -6.11
C GLU A 104 -1.68 3.92 -7.19
N GLN A 105 -2.30 2.81 -7.61
CA GLN A 105 -1.65 1.91 -8.59
C GLN A 105 -1.45 2.63 -9.91
N ILE A 106 -2.50 3.26 -10.40
CA ILE A 106 -2.41 4.03 -11.63
C ILE A 106 -1.38 5.14 -11.49
N GLY A 107 -1.35 5.78 -10.33
CA GLY A 107 -0.37 6.84 -10.11
C GLY A 107 1.05 6.31 -10.23
N TRP A 108 1.36 5.18 -9.57
CA TRP A 108 2.71 4.64 -9.69
C TRP A 108 3.07 4.25 -11.12
N MET A 109 2.09 3.67 -11.81
CA MET A 109 2.30 3.19 -13.19
C MET A 109 2.53 4.33 -14.17
N THR A 110 2.07 5.52 -13.80
CA THR A 110 2.18 6.68 -14.69
C THR A 110 3.17 7.74 -14.18
N HIS A 111 3.77 7.47 -13.03
CA HIS A 111 4.70 8.39 -12.38
C HIS A 111 5.94 8.56 -13.22
N ASN A 112 6.67 9.64 -12.96
CA ASN A 112 7.96 9.83 -13.58
C ASN A 112 9.08 9.91 -12.55
N PRO A 113 9.89 8.83 -12.49
CA PRO A 113 9.76 7.69 -13.37
C PRO A 113 8.74 6.67 -12.82
N PRO A 114 8.27 5.77 -13.68
CA PRO A 114 7.19 4.91 -13.20
C PRO A 114 7.65 3.75 -12.35
N ILE A 115 6.75 3.26 -11.50
CA ILE A 115 6.94 1.97 -10.84
C ILE A 115 5.79 1.14 -11.38
N PRO A 116 6.10 0.21 -12.31
CA PRO A 116 5.05 -0.51 -13.04
C PRO A 116 4.49 -1.59 -12.16
N VAL A 117 3.68 -1.19 -11.19
CA VAL A 117 3.27 -2.14 -10.16
C VAL A 117 2.46 -3.32 -10.71
N GLY A 118 1.72 -3.13 -11.81
CA GLY A 118 0.99 -4.24 -12.39
C GLY A 118 1.96 -5.23 -13.00
N GLU A 119 3.00 -4.72 -13.65
CA GLU A 119 3.97 -5.62 -14.25
C GLU A 119 4.79 -6.33 -13.20
N ILE A 120 5.12 -5.64 -12.12
CA ILE A 120 5.87 -6.27 -11.05
C ILE A 120 5.03 -7.37 -10.42
N TYR A 121 3.79 -7.03 -10.11
CA TYR A 121 2.91 -8.05 -9.50
C TYR A 121 2.71 -9.23 -10.44
N LYS A 122 2.50 -8.95 -11.73
CA LYS A 122 2.41 -10.02 -12.72
C LYS A 122 3.61 -10.96 -12.67
N ARG A 123 4.80 -10.38 -12.52
CA ARG A 123 5.99 -11.19 -12.45
C ARG A 123 5.94 -12.10 -11.23
N TRP A 124 5.52 -11.57 -10.08
CA TRP A 124 5.44 -12.38 -8.86
C TRP A 124 4.41 -13.49 -9.04
N ILE A 125 3.28 -13.15 -9.64
CA ILE A 125 2.22 -14.14 -9.83
C ILE A 125 2.74 -15.24 -10.75
N ILE A 126 3.43 -14.85 -11.81
CA ILE A 126 3.98 -15.85 -12.73
C ILE A 126 5.02 -16.75 -12.06
N LEU A 127 5.86 -16.19 -11.18
CA LEU A 127 6.73 -17.03 -10.37
C LEU A 127 5.94 -18.05 -9.55
N GLY A 128 4.81 -17.61 -8.97
CA GLY A 128 3.98 -18.55 -8.23
C GLY A 128 3.35 -19.59 -9.12
N LEU A 129 2.89 -19.16 -10.29
CA LEU A 129 2.28 -20.08 -11.26
C LEU A 129 3.33 -21.08 -11.73
N ASN A 130 4.56 -20.64 -11.95
CA ASN A 130 5.62 -21.57 -12.35
C ASN A 130 5.86 -22.70 -11.36
N LYS A 131 5.81 -22.36 -10.07
CA LYS A 131 5.95 -23.36 -9.03
C LYS A 131 4.80 -24.37 -9.05
N ILE A 132 3.57 -23.87 -9.23
CA ILE A 132 2.39 -24.72 -9.36
C ILE A 132 2.48 -25.64 -10.58
N VAL A 133 2.85 -25.06 -11.72
CA VAL A 133 3.03 -25.82 -12.96
C VAL A 133 4.07 -26.93 -12.80
N ARG A 134 5.22 -26.59 -12.20
CA ARG A 134 6.28 -27.55 -11.89
C ARG A 134 5.74 -28.69 -11.02
N MET A 135 5.00 -28.30 -9.98
CA MET A 135 4.43 -29.23 -9.00
C MET A 135 3.38 -30.16 -9.61
N TYR A 136 2.55 -29.64 -10.50
CA TYR A 136 1.45 -30.40 -11.09
C TYR A 136 1.82 -31.16 -12.37
N SER A 137 3.03 -30.88 -12.90
CA SER A 137 3.59 -31.63 -14.01
C SER A 137 3.95 -33.04 -13.56
N GLY A 138 4.19 -33.95 -14.37
N PRO B 2 1.11 -1.16 13.13
CA PRO B 2 1.30 -0.61 14.48
C PRO B 2 2.29 -1.43 15.26
N ILE B 3 2.88 -0.80 16.27
CA ILE B 3 3.70 -1.52 17.20
C ILE B 3 2.77 -2.24 18.19
N VAL B 4 3.08 -3.49 18.49
CA VAL B 4 2.31 -4.25 19.46
C VAL B 4 3.29 -4.99 20.35
N GLN B 5 2.81 -5.49 21.48
CA GLN B 5 3.58 -6.43 22.28
C GLN B 5 3.08 -7.83 21.92
N ASN B 6 3.98 -8.72 21.48
CA ASN B 6 3.53 -10.04 21.12
C ASN B 6 3.44 -10.91 22.37
N LEU B 7 3.10 -12.17 22.19
CA LEU B 7 2.89 -13.05 23.34
C LEU B 7 4.19 -13.32 24.09
N GLN B 8 5.31 -13.21 23.38
CA GLN B 8 6.62 -13.37 24.01
C GLN B 8 7.07 -12.12 24.75
N GLY B 9 6.27 -11.06 24.68
CA GLY B 9 6.56 -9.80 25.40
C GLY B 9 7.51 -8.90 24.61
N GLN B 10 7.75 -9.24 23.35
CA GLN B 10 8.55 -8.38 22.46
C GLN B 10 7.71 -7.31 21.82
N MET B 11 8.32 -6.15 21.62
CA MET B 11 7.68 -5.04 20.91
C MET B 11 8.03 -5.17 19.43
N VAL B 12 7.00 -5.40 18.61
CA VAL B 12 7.22 -5.73 17.20
C VAL B 12 6.20 -4.99 16.36
N HIS B 13 6.40 -4.96 15.04
CA HIS B 13 5.43 -4.35 14.16
C HIS B 13 4.41 -5.36 13.68
N GLN B 14 3.14 -4.97 13.75
CA GLN B 14 2.05 -5.73 13.18
C GLN B 14 1.60 -4.95 11.96
N ALA B 15 1.43 -5.65 10.85
CA ALA B 15 1.03 -5.03 9.60
C ALA B 15 -0.27 -4.28 9.76
N ILE B 16 -0.36 -3.11 9.13
CA ILE B 16 -1.60 -2.35 9.09
C ILE B 16 -2.64 -3.20 8.37
N SER B 17 -3.87 -3.17 8.87
CA SER B 17 -4.96 -3.96 8.33
C SER B 17 -5.64 -3.23 7.17
N PRO B 18 -5.97 -3.98 6.08
CA PRO B 18 -6.82 -3.36 5.06
C PRO B 18 -8.13 -2.80 5.64
N ARG B 19 -8.65 -3.44 6.69
CA ARG B 19 -9.82 -2.90 7.39
C ARG B 19 -9.57 -1.49 7.95
N THR B 20 -8.40 -1.28 8.54
CA THR B 20 -8.04 0.04 9.03
C THR B 20 -7.98 1.07 7.91
N LEU B 21 -7.40 0.67 6.77
CA LEU B 21 -7.30 1.57 5.64
C LEU B 21 -8.67 1.95 5.13
N ASN B 22 -9.55 0.96 4.97
CA ASN B 22 -10.91 1.26 4.52
C ASN B 22 -11.66 2.13 5.52
N ALA B 23 -11.49 1.84 6.80
CA ALA B 23 -12.16 2.62 7.83
C ALA B 23 -11.74 4.07 7.76
N TRP B 24 -10.45 4.30 7.48
CA TRP B 24 -9.98 5.68 7.36
C TRP B 24 -10.56 6.39 6.14
N VAL B 25 -10.51 5.73 4.99
CA VAL B 25 -11.01 6.36 3.79
C VAL B 25 -12.53 6.58 3.90
N LYS B 26 -13.21 5.61 4.51
CA LYS B 26 -14.65 5.70 4.71
C LYS B 26 -14.99 6.94 5.52
N VAL B 27 -14.26 7.19 6.62
CA VAL B 27 -14.54 8.40 7.39
C VAL B 27 -14.25 9.69 6.61
N VAL B 28 -13.15 9.72 5.86
CA VAL B 28 -12.81 10.90 5.08
C VAL B 28 -13.90 11.16 4.04
N GLU B 29 -14.35 10.09 3.38
CA GLU B 29 -15.36 10.22 2.32
C GLU B 29 -16.75 10.55 2.86
N GLU B 30 -17.16 9.86 3.92
CA GLU B 30 -18.46 10.11 4.56
C GLU B 30 -18.56 11.46 5.26
N LYS B 31 -17.48 11.88 5.91
CA LYS B 31 -17.52 13.06 6.76
C LYS B 31 -17.06 14.31 6.03
N ALA B 32 -16.41 14.12 4.88
CA ALA B 32 -15.96 15.22 4.04
C ALA B 32 -15.15 16.23 4.84
N PHE B 33 -14.16 15.72 5.58
CA PHE B 33 -13.27 16.54 6.42
C PHE B 33 -13.99 17.42 7.42
N SER B 34 -15.08 16.87 7.99
CA SER B 34 -15.70 17.48 9.16
C SER B 34 -14.77 17.21 10.35
N PRO B 35 -14.96 17.93 11.48
CA PRO B 35 -14.12 17.66 12.64
C PRO B 35 -14.08 16.19 13.08
N GLU B 36 -15.09 15.42 12.68
CA GLU B 36 -15.18 14.01 13.07
C GLU B 36 -14.03 13.14 12.54
N VAL B 37 -13.37 13.58 11.47
CA VAL B 37 -12.23 12.82 10.94
C VAL B 37 -11.07 12.76 11.94
N ILE B 38 -10.96 13.80 12.77
CA ILE B 38 -9.84 13.94 13.72
C ILE B 38 -9.82 12.83 14.76
N PRO B 39 -10.88 12.72 15.60
CA PRO B 39 -10.81 11.60 16.54
C PRO B 39 -10.77 10.23 15.85
N MET B 40 -11.40 10.08 14.69
CA MET B 40 -11.32 8.81 13.98
C MET B 40 -9.91 8.50 13.52
N PHE B 41 -9.23 9.51 12.99
CA PHE B 41 -7.84 9.31 12.59
C PHE B 41 -7.02 8.79 13.77
N SER B 42 -7.19 9.44 14.92
CA SER B 42 -6.51 9.01 16.15
C SER B 42 -6.87 7.61 16.59
N ALA B 43 -8.15 7.26 16.52
CA ALA B 43 -8.58 5.92 16.94
C ALA B 43 -7.98 4.86 16.03
N LEU B 44 -7.93 5.13 14.73
CA LEU B 44 -7.44 4.16 13.75
C LEU B 44 -5.92 4.05 13.69
N SER B 45 -5.22 4.94 14.38
CA SER B 45 -3.77 4.97 14.30
C SER B 45 -3.08 4.71 15.63
N GLU B 46 -3.78 4.05 16.57
CA GLU B 46 -3.16 3.67 17.83
C GLU B 46 -1.93 2.81 17.54
N GLY B 47 -0.80 3.18 18.10
CA GLY B 47 0.43 2.42 17.94
C GLY B 47 1.04 2.53 16.55
N ALA B 48 0.51 3.40 15.69
CA ALA B 48 1.02 3.44 14.32
C ALA B 48 2.49 3.91 14.25
N THR B 49 3.24 3.30 13.34
CA THR B 49 4.56 3.83 12.95
C THR B 49 4.40 4.84 11.81
N PRO B 50 5.41 5.68 11.57
CA PRO B 50 5.32 6.55 10.38
C PRO B 50 5.04 5.78 9.08
N GLN B 51 5.60 4.59 8.92
CA GLN B 51 5.32 3.80 7.71
C GLN B 51 3.81 3.53 7.60
N ASP B 52 3.21 3.09 8.71
CA ASP B 52 1.76 2.85 8.76
C ASP B 52 0.99 4.11 8.40
N LEU B 53 1.41 5.24 8.96
CA LEU B 53 0.71 6.48 8.76
C LEU B 53 0.76 6.92 7.31
N ASN B 54 1.91 6.71 6.66
CA ASN B 54 1.99 7.07 5.24
C ASN B 54 1.10 6.20 4.38
N THR B 55 1.06 4.91 4.70
CA THR B 55 0.16 4.01 3.99
C THR B 55 -1.30 4.43 4.15
N MET B 56 -1.68 4.82 5.36
CA MET B 56 -3.02 5.35 5.60
C MET B 56 -3.30 6.59 4.78
N LEU B 57 -2.40 7.56 4.85
CA LEU B 57 -2.66 8.82 4.16
C LEU B 57 -2.69 8.61 2.65
N ASN B 58 -1.83 7.75 2.15
CA ASN B 58 -1.76 7.55 0.71
C ASN B 58 -2.99 6.90 0.10
N THR B 59 -3.85 6.30 0.94
CA THR B 59 -5.04 5.64 0.42
C THR B 59 -6.16 6.64 0.13
N VAL B 60 -6.01 7.87 0.60
CA VAL B 60 -7.01 8.90 0.31
C VAL B 60 -6.79 9.44 -1.08
N GLY B 61 -7.71 9.08 -1.97
CA GLY B 61 -7.65 9.52 -3.35
C GLY B 61 -8.57 10.69 -3.56
N GLY B 62 -8.22 11.52 -4.52
CA GLY B 62 -8.87 12.81 -4.65
C GLY B 62 -8.34 13.72 -3.55
N HIS B 63 -9.11 14.75 -3.25
CA HIS B 63 -8.74 15.73 -2.26
C HIS B 63 -7.29 16.12 -2.43
N GLN B 64 -6.86 16.24 -3.68
CA GLN B 64 -5.47 16.55 -3.98
C GLN B 64 -5.02 17.84 -3.28
N ALA B 65 -5.86 18.87 -3.32
CA ALA B 65 -5.54 20.13 -2.65
C ALA B 65 -5.35 19.93 -1.14
N ALA B 66 -6.25 19.19 -0.50
CA ALA B 66 -6.18 18.95 0.94
C ALA B 66 -4.93 18.17 1.27
N MET B 67 -4.67 17.12 0.49
CA MET B 67 -3.51 16.28 0.74
C MET B 67 -2.19 17.04 0.51
N GLN B 68 -2.18 17.94 -0.48
CA GLN B 68 -1.01 18.78 -0.70
C GLN B 68 -0.78 19.71 0.51
N MET B 69 -1.86 20.25 1.07
CA MET B 69 -1.73 21.12 2.23
C MET B 69 -1.20 20.34 3.42
N LEU B 70 -1.72 19.12 3.59
CA LEU B 70 -1.29 18.25 4.66
C LEU B 70 0.20 17.95 4.52
N LYS B 71 0.62 17.62 3.31
CA LYS B 71 2.02 17.36 3.04
C LYS B 71 2.88 18.58 3.35
N GLU B 72 2.39 19.77 2.98
CA GLU B 72 3.12 21.00 3.33
C GLU B 72 3.22 21.24 4.84
N THR B 73 2.15 20.98 5.58
CA THR B 73 2.19 21.11 7.04
C THR B 73 3.21 20.14 7.64
N ILE B 74 3.20 18.91 7.16
CA ILE B 74 4.19 17.94 7.58
C ILE B 74 5.63 18.44 7.31
N ASN B 75 5.87 18.93 6.10
CA ASN B 75 7.18 19.48 5.77
C ASN B 75 7.58 20.59 6.72
N GLU B 76 6.64 21.46 7.06
CA GLU B 76 6.95 22.57 7.97
C GLU B 76 7.29 22.04 9.36
N GLU B 77 6.51 21.09 9.85
CA GLU B 77 6.80 20.52 11.16
C GLU B 77 8.12 19.78 11.17
N ALA B 78 8.44 19.08 10.09
CA ALA B 78 9.72 18.39 10.00
C ALA B 78 10.86 19.39 10.04
N ALA B 79 10.69 20.49 9.34
CA ALA B 79 11.71 21.54 9.32
C ALA B 79 11.89 22.14 10.71
N GLU B 80 10.77 22.36 11.42
CA GLU B 80 10.85 22.88 12.78
C GLU B 80 11.51 21.89 13.74
N TRP B 81 11.22 20.62 13.57
CA TRP B 81 11.89 19.61 14.36
C TRP B 81 13.40 19.72 14.17
N ASP B 82 13.84 19.82 12.92
CA ASP B 82 15.26 19.95 12.61
C ASP B 82 15.89 21.21 13.19
N ARG B 83 15.13 22.30 13.18
CA ARG B 83 15.63 23.54 13.76
C ARG B 83 15.92 23.42 15.26
N LEU B 84 15.08 22.67 15.96
CA LEU B 84 15.23 22.47 17.41
C LEU B 84 16.09 21.27 17.74
N HIS B 85 16.39 20.44 16.72
CA HIS B 85 17.29 19.28 16.88
C HIS B 85 18.30 19.31 15.74
N PRO B 86 19.23 20.27 15.76
CA PRO B 86 20.12 20.37 14.60
C PRO B 86 21.09 19.19 14.56
N VAL B 87 21.25 18.23 15.88
CA VAL B 87 22.04 17.01 15.81
C VAL B 87 21.16 15.82 16.16
N GLY B 88 21.70 14.63 15.95
CA GLY B 88 21.04 13.42 16.39
C GLY B 88 19.99 12.92 15.43
N GLU B 89 19.49 11.73 15.79
CA GLU B 89 18.44 11.07 15.07
C GLU B 89 17.29 10.92 16.03
N PRO B 90 16.06 10.94 15.51
CA PRO B 90 15.65 11.13 14.12
C PRO B 90 15.72 12.59 13.63
N ARG B 91 15.82 12.74 12.31
CA ARG B 91 15.59 14.00 11.63
C ARG B 91 14.07 14.14 11.44
N GLY B 92 13.63 15.33 11.06
CA GLY B 92 12.20 15.51 10.72
C GLY B 92 11.74 14.57 9.63
N SER B 93 12.58 14.37 8.61
CA SER B 93 12.21 13.48 7.50
C SER B 93 12.08 12.05 7.98
N ASP B 94 12.79 11.72 9.05
CA ASP B 94 12.70 10.38 9.61
C ASP B 94 11.39 10.15 10.36
N ILE B 95 10.94 11.19 11.07
CA ILE B 95 9.68 11.15 11.76
C ILE B 95 8.54 11.02 10.74
N ALA B 96 8.65 11.75 9.62
CA ALA B 96 7.62 11.67 8.56
C ALA B 96 7.74 10.42 7.72
N GLY B 97 8.76 9.61 7.99
CA GLY B 97 8.97 8.33 7.27
C GLY B 97 9.47 8.45 5.85
N THR B 98 9.94 9.61 5.43
CA THR B 98 10.48 9.72 4.08
C THR B 98 11.90 9.18 3.97
N THR B 99 12.67 9.28 5.06
CA THR B 99 14.07 8.84 5.02
C THR B 99 14.37 7.76 6.02
N SER B 100 13.32 7.20 6.67
CA SER B 100 13.51 6.18 7.67
C SER B 100 12.79 4.90 7.33
N THR B 101 13.34 3.82 7.85
CA THR B 101 12.78 2.50 7.65
C THR B 101 11.89 2.12 8.81
N LEU B 102 11.07 1.09 8.61
CA LEU B 102 10.25 0.58 9.69
C LEU B 102 11.10 0.19 10.91
N GLN B 103 12.23 -0.47 10.68
CA GLN B 103 13.10 -0.88 11.79
C GLN B 103 13.63 0.34 12.55
N GLU B 104 14.02 1.39 11.82
CA GLU B 104 14.43 2.61 12.49
C GLU B 104 13.30 3.16 13.35
N GLN B 105 12.08 3.14 12.82
CA GLN B 105 10.95 3.74 13.53
C GLN B 105 10.66 2.97 14.81
N ILE B 106 10.63 1.65 14.71
CA ILE B 106 10.39 0.82 15.87
C ILE B 106 11.49 1.02 16.88
N GLY B 107 12.72 1.20 16.39
CA GLY B 107 13.86 1.38 17.27
C GLY B 107 13.69 2.65 18.08
N TRP B 108 13.35 3.76 17.42
CA TRP B 108 13.17 5.02 18.14
C TRP B 108 12.02 4.92 19.14
N MET B 109 10.95 4.26 18.73
CA MET B 109 9.75 4.15 19.58
C MET B 109 10.00 3.30 20.82
N THR B 110 10.98 2.41 20.74
CA THR B 110 11.28 1.49 21.84
C THR B 110 12.59 1.83 22.58
N HIS B 111 13.23 2.93 22.18
CA HIS B 111 14.53 3.34 22.71
C HIS B 111 14.39 3.83 24.15
N ASN B 112 15.50 3.87 24.87
CA ASN B 112 15.53 4.46 26.21
C ASN B 112 16.46 5.68 26.21
N PRO B 113 15.90 6.90 26.22
CA PRO B 113 14.49 7.26 26.26
C PRO B 113 13.89 7.13 24.87
N PRO B 114 12.57 6.93 24.79
CA PRO B 114 12.00 6.78 23.46
C PRO B 114 11.87 8.11 22.75
N ILE B 115 11.84 8.05 21.43
CA ILE B 115 11.38 9.16 20.63
C ILE B 115 10.16 8.59 19.90
N PRO B 116 8.95 8.95 20.36
CA PRO B 116 7.76 8.29 19.87
C PRO B 116 7.40 8.82 18.50
N VAL B 117 8.14 8.38 17.48
CA VAL B 117 8.02 9.04 16.20
C VAL B 117 6.64 8.86 15.57
N GLY B 118 5.96 7.77 15.86
CA GLY B 118 4.59 7.60 15.38
C GLY B 118 3.69 8.65 16.01
N GLU B 119 3.87 8.88 17.30
CA GLU B 119 3.04 9.86 17.98
C GLU B 119 3.37 11.27 17.53
N ILE B 120 4.66 11.56 17.32
CA ILE B 120 5.03 12.87 16.87
C ILE B 120 4.46 13.10 15.49
N TYR B 121 4.65 12.13 14.60
CA TYR B 121 4.12 12.29 13.25
C TYR B 121 2.60 12.43 13.26
N LYS B 122 1.94 11.65 14.10
CA LYS B 122 0.50 11.79 14.27
C LYS B 122 0.09 13.21 14.65
N ARG B 123 0.85 13.81 15.56
CA ARG B 123 0.57 15.17 15.96
C ARG B 123 0.68 16.11 14.77
N TRP B 124 1.73 15.92 13.95
CA TRP B 124 1.90 16.79 12.78
C TRP B 124 0.75 16.61 11.80
N ILE B 125 0.36 15.37 11.58
CA ILE B 125 -0.70 15.07 10.64
C ILE B 125 -1.98 15.70 11.17
N ILE B 126 -2.22 15.57 12.48
CA ILE B 126 -3.43 16.16 13.04
C ILE B 126 -3.42 17.69 12.91
N LEU B 127 -2.27 18.33 13.10
CA LEU B 127 -2.16 19.75 12.80
C LEU B 127 -2.55 20.05 11.36
N GLY B 128 -2.11 19.22 10.42
CA GLY B 128 -2.49 19.41 9.01
C GLY B 128 -3.98 19.23 8.80
N LEU B 129 -4.54 18.19 9.42
CA LEU B 129 -5.95 17.87 9.35
C LEU B 129 -6.78 19.02 9.89
N ASN B 130 -6.32 19.63 10.99
CA ASN B 130 -7.02 20.78 11.58
C ASN B 130 -7.12 21.97 10.67
N LYS B 131 -6.04 22.26 9.95
CA LYS B 131 -6.03 23.31 8.93
C LYS B 131 -7.06 22.99 7.84
N ILE B 132 -7.07 21.75 7.38
CA ILE B 132 -8.04 21.30 6.35
C ILE B 132 -9.48 21.42 6.86
N VAL B 133 -9.71 20.90 8.06
CA VAL B 133 -11.02 20.99 8.71
C VAL B 133 -11.49 22.44 8.84
N ARG B 134 -10.62 23.32 9.34
CA ARG B 134 -10.98 24.73 9.50
C ARG B 134 -11.26 25.39 8.15
N MET B 135 -10.51 24.95 7.14
CA MET B 135 -10.65 25.45 5.77
C MET B 135 -11.96 24.97 5.13
N TYR B 136 -12.28 23.70 5.35
CA TYR B 136 -13.55 23.12 4.90
C TYR B 136 -14.54 23.16 6.07
N SER B 137 -14.92 24.36 6.49
CA SER B 137 -15.85 24.53 7.62
C SER B 137 -17.10 25.32 7.27
O24 1B0 C . -6.54 -13.46 -0.26
C23 1B0 C . -7.34 -13.71 -1.16
N4 1B0 C . -7.14 -13.34 -2.44
C5 1B0 C . -6.07 -12.45 -2.84
C13 1B0 C . -6.44 -11.02 -2.57
N15 1B0 C . -5.55 -10.19 -1.98
C17 1B0 C . -4.24 -10.62 -1.70
C22 1B0 C . -3.25 -10.50 -2.69
C21 1B0 C . -1.96 -10.93 -2.41
C20 1B0 C . -1.66 -11.47 -1.17
C19 1B0 C . -2.63 -11.60 -0.19
C18 1B0 C . -3.93 -11.17 -0.45
C16 1B0 C . -5.87 -8.83 -1.57
O14 1B0 C . -7.55 -10.63 -2.87
C6 1B0 C . -5.71 -12.63 -4.31
C7 1B0 C . -5.13 -14.02 -4.51
C12 1B0 C . -3.77 -14.26 -4.35
C11 1B0 C . -3.25 -15.54 -4.53
C10 1B0 C . -4.10 -16.60 -4.87
C9 1B0 C . -5.46 -16.35 -5.03
C8 1B0 C . -5.98 -15.07 -4.86
C25 1B0 C . -8.60 -14.46 -0.85
C1 1B0 C . -8.21 -15.68 -0.05
C26 1B0 C . -7.28 -16.75 -0.48
C31 1B0 C . -6.55 -16.92 -1.66
C30 1B0 C . -5.74 -18.04 -1.79
C29 1B0 C . -5.66 -18.97 -0.75
C28 1B0 C . -6.39 -18.79 0.42
C27 1B0 C . -7.20 -17.66 0.57
N3 1B0 C . -8.01 -17.22 1.56
C2 1B0 C . -8.62 -16.05 1.23
C32 1B0 C . -9.58 -15.28 2.11
O24 1B0 D . 4.04 12.03 -1.02
C23 1B0 D . 3.09 11.25 -1.03
N4 1B0 D . 2.64 10.63 0.04
C5 1B0 D . 3.28 10.72 1.34
C13 1B0 D . 4.44 9.75 1.46
N15 1B0 D . 5.60 10.17 2.00
C17 1B0 D . 5.73 11.48 2.48
C22 1B0 D . 5.39 11.76 3.81
C21 1B0 D . 5.51 13.06 4.29
C20 1B0 D . 5.98 14.07 3.46
C19 1B0 D . 6.34 13.79 2.14
C18 1B0 D . 6.21 12.50 1.63
C16 1B0 D . 6.77 9.30 2.13
O14 1B0 D . 4.30 8.62 1.08
C6 1B0 D . 2.26 10.50 2.45
C7 1B0 D . 1.25 11.63 2.43
C12 1B0 D . 1.48 12.80 3.14
C11 1B0 D . 0.55 13.84 3.10
C10 1B0 D . -0.62 13.71 2.34
C9 1B0 D . -0.84 12.53 1.63
C8 1B0 D . 0.09 11.48 1.67
C25 1B0 D . 2.37 10.93 -2.33
C1 1B0 D . 2.13 12.23 -3.07
C26 1B0 D . 1.31 13.38 -2.62
C31 1B0 D . 0.56 13.57 -1.46
C30 1B0 D . -0.12 14.77 -1.30
C29 1B0 D . -0.07 15.74 -2.31
C28 1B0 D . 0.68 15.53 -3.46
C27 1B0 D . 1.38 14.33 -3.63
N3 1B0 D . 2.18 13.85 -4.61
C2 1B0 D . 2.63 12.60 -4.31
C32 1B0 D . 3.54 11.76 -5.18
#